data_3LTO
#
_entry.id   3LTO
#
_cell.length_a   71.738
_cell.length_b   88.824
_cell.length_c   104.241
_cell.angle_alpha   90.00
_cell.angle_beta   90.00
_cell.angle_gamma   90.00
#
_symmetry.space_group_name_H-M   'P 21 21 21'
#
loop_
_entity.id
_entity.type
_entity.pdbx_description
1 polymer 'Mevalonate diphosphate decarboxylase'
2 non-polymer 'SULFATE ION'
3 water water
#
_entity_poly.entity_id   1
_entity_poly.type   'polypeptide(L)'
_entity_poly.pdbx_seq_one_letter_code
;(MSE)HWFAQAPANIALIKY(MSE)GKKDENSNLPDNSSLSYTLSNLLSSVKLEKLPTKKDIWEPLTIPGAPEFNLSVEA
QKRFIDHLVRLKEYFGYVGGFLIQSSNNFPHSSGLASSASSFAALTKCASIALSELTQKPLPSIDEQAQLSRLGSGSSCR
SFYAPWALWTGDKVSAIDLPYKDLLHQVIVISSQEKEIPSRVAHKLVKTSPFYETRSERAEANLKLLLNAFENKDWTSIY
QICWHEFLD(MSE)HQLFKTCEKPFSYITDNTLHILSVIEKFWNEKGDGPVVT(MSE)DAGPNVHLLYRSDQTDLARQFK
SDHLVGNYDVLEGHHHHHH
;
_entity_poly.pdbx_strand_id   A,B
#
# COMPACT_ATOMS: atom_id res chain seq x y z
N HIS A 2 1.21 -10.57 -33.46
CA HIS A 2 0.96 -11.12 -32.12
C HIS A 2 1.99 -10.75 -31.05
N TRP A 3 1.60 -11.02 -29.80
CA TRP A 3 2.44 -10.75 -28.65
C TRP A 3 2.34 -11.98 -27.78
N PHE A 4 3.41 -12.32 -27.06
CA PHE A 4 3.43 -13.50 -26.21
C PHE A 4 4.15 -13.21 -24.90
N ALA A 5 3.62 -13.71 -23.79
CA ALA A 5 4.24 -13.53 -22.49
C ALA A 5 3.93 -14.71 -21.58
N GLN A 6 4.74 -14.89 -20.56
CA GLN A 6 4.55 -16.00 -19.63
C GLN A 6 4.72 -15.49 -18.20
N ALA A 7 4.17 -16.24 -17.25
CA ALA A 7 4.27 -15.89 -15.85
C ALA A 7 4.26 -17.17 -15.06
N PRO A 8 4.94 -17.17 -13.91
CA PRO A 8 5.01 -18.36 -13.06
C PRO A 8 3.88 -18.44 -12.04
N ALA A 9 3.59 -19.65 -11.57
CA ALA A 9 2.57 -19.82 -10.55
C ALA A 9 3.30 -19.59 -9.24
N ASN A 10 2.55 -19.48 -8.15
CA ASN A 10 3.19 -19.28 -6.86
C ASN A 10 2.33 -19.97 -5.84
N ILE A 11 2.96 -20.42 -4.75
CA ILE A 11 2.27 -21.13 -3.67
C ILE A 11 2.45 -20.39 -2.33
N ALA A 12 1.33 -20.00 -1.74
CA ALA A 12 1.33 -19.27 -0.48
C ALA A 12 1.51 -20.11 0.78
N LEU A 13 2.43 -19.67 1.64
CA LEU A 13 2.68 -20.31 2.93
C LEU A 13 1.72 -19.67 3.95
N ILE A 14 1.50 -18.36 3.77
CA ILE A 14 0.55 -17.60 4.59
C ILE A 14 -0.51 -17.19 3.55
N LYS A 15 -1.77 -17.54 3.80
CA LYS A 15 -2.83 -17.29 2.83
C LYS A 15 -3.52 -15.93 2.78
N TYR A 16 -3.71 -15.43 1.56
CA TYR A 16 -4.42 -14.17 1.33
C TYR A 16 -5.90 -14.58 1.42
N GLY A 18 -8.36 -14.23 -0.58
CA GLY A 18 -9.37 -13.35 -1.12
C GLY A 18 -10.10 -12.54 -0.06
N LYS A 19 -9.58 -12.56 1.16
CA LYS A 19 -10.19 -11.79 2.24
C LYS A 19 -9.67 -10.37 2.07
N LYS A 20 -10.52 -9.48 1.58
CA LYS A 20 -10.12 -8.11 1.35
C LYS A 20 -11.19 -7.08 1.73
N ASP A 21 -10.78 -5.83 1.87
CA ASP A 21 -11.69 -4.75 2.23
C ASP A 21 -12.60 -4.43 1.04
N GLU A 22 -13.89 -4.31 1.32
CA GLU A 22 -14.89 -4.04 0.29
C GLU A 22 -14.71 -2.73 -0.49
N ASN A 23 -14.14 -1.71 0.16
CA ASN A 23 -13.98 -0.42 -0.48
C ASN A 23 -12.59 -0.04 -0.99
N SER A 24 -11.56 -0.41 -0.24
CA SER A 24 -10.18 -0.10 -0.61
C SER A 24 -9.56 -1.22 -1.44
N ASN A 25 -10.16 -2.40 -1.34
CA ASN A 25 -9.72 -3.60 -2.04
C ASN A 25 -8.36 -4.09 -1.53
N LEU A 26 -7.94 -3.58 -0.38
CA LEU A 26 -6.67 -3.99 0.22
C LEU A 26 -6.90 -5.30 0.97
N PRO A 27 -5.89 -6.20 1.00
CA PRO A 27 -6.04 -7.47 1.70
C PRO A 27 -6.16 -7.28 3.21
N ASP A 28 -7.01 -8.09 3.85
CA ASP A 28 -7.18 -7.98 5.29
C ASP A 28 -5.91 -8.41 6.01
N ASN A 29 -5.14 -9.28 5.37
CA ASN A 29 -3.88 -9.68 5.97
C ASN A 29 -2.85 -9.90 4.88
N SER A 30 -1.59 -9.83 5.27
CA SER A 30 -0.52 -10.04 4.33
C SER A 30 -0.50 -11.49 3.90
N SER A 31 0.26 -11.76 2.85
CA SER A 31 0.42 -13.11 2.33
C SER A 31 1.86 -13.30 1.86
N LEU A 32 2.36 -14.52 1.99
CA LEU A 32 3.72 -14.88 1.60
C LEU A 32 3.70 -16.14 0.74
N SER A 33 4.34 -16.09 -0.43
CA SER A 33 4.34 -17.24 -1.31
C SER A 33 5.70 -17.53 -1.96
N TYR A 34 5.86 -18.76 -2.42
CA TYR A 34 7.08 -19.19 -3.09
C TYR A 34 6.76 -19.16 -4.58
N THR A 35 7.64 -18.59 -5.39
CA THR A 35 7.40 -18.53 -6.81
C THR A 35 7.86 -19.83 -7.48
N LEU A 36 6.92 -20.56 -8.07
CA LEU A 36 7.22 -21.82 -8.74
C LEU A 36 7.60 -21.56 -10.19
N SER A 37 8.83 -21.10 -10.39
CA SER A 37 9.34 -20.77 -11.72
C SER A 37 9.23 -21.81 -12.83
N ASN A 38 9.03 -23.07 -12.48
CA ASN A 38 8.92 -24.11 -13.50
C ASN A 38 7.49 -24.27 -14.03
N LEU A 39 6.49 -23.92 -13.23
CA LEU A 39 5.10 -24.01 -13.67
C LEU A 39 4.77 -22.66 -14.28
N LEU A 40 4.46 -22.66 -15.57
CA LEU A 40 4.18 -21.42 -16.28
C LEU A 40 2.85 -21.37 -17.04
N SER A 41 2.29 -20.18 -17.12
CA SER A 41 1.07 -19.94 -17.87
C SER A 41 1.55 -19.06 -19.00
N SER A 42 0.93 -19.20 -20.16
CA SER A 42 1.33 -18.41 -21.31
C SER A 42 0.13 -17.74 -21.95
N VAL A 43 0.33 -16.54 -22.47
CA VAL A 43 -0.74 -15.83 -23.13
C VAL A 43 -0.27 -15.22 -24.43
N LYS A 44 -0.99 -15.53 -25.50
CA LYS A 44 -0.66 -14.98 -26.79
C LYS A 44 -1.79 -14.06 -27.17
N LEU A 45 -1.47 -12.89 -27.69
CA LEU A 45 -2.50 -11.96 -28.11
C LEU A 45 -2.35 -11.68 -29.59
N GLU A 46 -3.47 -11.71 -30.30
CA GLU A 46 -3.49 -11.41 -31.72
C GLU A 46 -4.60 -10.39 -31.88
N LYS A 47 -4.30 -9.28 -32.54
CA LYS A 47 -5.28 -8.24 -32.75
C LYS A 47 -6.41 -8.75 -33.65
N LEU A 48 -7.65 -8.37 -33.33
CA LEU A 48 -8.81 -8.74 -34.13
C LEU A 48 -9.35 -7.46 -34.78
N PRO A 49 -10.11 -7.60 -35.87
CA PRO A 49 -10.69 -6.45 -36.57
C PRO A 49 -11.78 -5.74 -35.77
N THR A 50 -12.51 -6.52 -34.97
CA THR A 50 -13.59 -6.00 -34.15
C THR A 50 -13.09 -5.27 -32.91
N LYS A 51 -14.04 -4.89 -32.05
CA LYS A 51 -13.73 -4.18 -30.80
C LYS A 51 -13.83 -5.12 -29.61
N LYS A 52 -14.38 -6.31 -29.83
CA LYS A 52 -14.55 -7.27 -28.75
C LYS A 52 -13.51 -8.39 -28.71
N ASP A 53 -13.06 -8.70 -27.51
CA ASP A 53 -12.08 -9.76 -27.30
C ASP A 53 -12.72 -11.14 -27.37
N ILE A 54 -11.91 -12.14 -27.68
CA ILE A 54 -12.37 -13.51 -27.73
C ILE A 54 -11.34 -14.35 -26.99
N TRP A 55 -11.81 -15.24 -26.12
CA TRP A 55 -10.93 -16.09 -25.35
C TRP A 55 -10.97 -17.54 -25.84
N GLU A 56 -9.82 -18.04 -26.26
CA GLU A 56 -9.73 -19.41 -26.75
C GLU A 56 -8.58 -20.12 -26.05
N PRO A 57 -8.86 -20.74 -24.89
CA PRO A 57 -7.82 -21.45 -24.17
C PRO A 57 -7.27 -22.59 -25.05
N LEU A 58 -5.99 -22.90 -24.90
CA LEU A 58 -5.36 -23.95 -25.70
C LEU A 58 -4.64 -24.97 -24.83
N THR A 59 -4.48 -26.18 -25.36
CA THR A 59 -3.78 -27.23 -24.65
C THR A 59 -2.28 -27.02 -24.84
N ILE A 60 -1.47 -27.73 -24.06
CA ILE A 60 -0.03 -27.59 -24.15
C ILE A 60 0.47 -27.73 -25.60
N PRO A 61 -0.02 -28.75 -26.32
CA PRO A 61 0.41 -28.93 -27.72
C PRO A 61 0.06 -27.76 -28.64
N GLY A 62 -0.98 -27.01 -28.30
CA GLY A 62 -1.37 -25.88 -29.14
C GLY A 62 -2.75 -26.00 -29.78
N ALA A 63 -3.52 -26.99 -29.36
CA ALA A 63 -4.86 -27.21 -29.89
C ALA A 63 -5.92 -26.64 -28.95
N PRO A 64 -7.06 -26.21 -29.50
CA PRO A 64 -8.14 -25.65 -28.70
C PRO A 64 -8.53 -26.56 -27.54
N GLU A 65 -8.68 -25.97 -26.36
CA GLU A 65 -9.09 -26.73 -25.19
C GLU A 65 -10.61 -26.66 -25.09
N PHE A 66 -11.23 -27.77 -24.70
CA PHE A 66 -12.67 -27.80 -24.56
C PHE A 66 -12.97 -27.18 -23.21
N ASN A 67 -13.57 -26.00 -23.25
CA ASN A 67 -13.88 -25.25 -22.03
C ASN A 67 -15.19 -24.49 -22.24
N LEU A 68 -16.17 -24.77 -21.37
CA LEU A 68 -17.46 -24.11 -21.45
C LEU A 68 -17.70 -23.18 -20.27
N SER A 69 -16.61 -22.65 -19.69
CA SER A 69 -16.74 -21.78 -18.53
C SER A 69 -17.22 -20.38 -18.87
N VAL A 70 -18.10 -19.87 -18.04
CA VAL A 70 -18.63 -18.55 -18.23
C VAL A 70 -17.89 -17.64 -17.26
N GLU A 71 -17.87 -18.04 -15.99
CA GLU A 71 -17.23 -17.26 -14.95
C GLU A 71 -15.75 -16.98 -15.18
N ALA A 72 -14.99 -18.01 -15.54
CA ALA A 72 -13.56 -17.85 -15.78
C ALA A 72 -13.30 -16.95 -16.97
N GLN A 73 -14.09 -17.16 -18.02
CA GLN A 73 -13.94 -16.37 -19.24
C GLN A 73 -14.28 -14.91 -18.97
N LYS A 74 -15.37 -14.68 -18.23
CA LYS A 74 -15.79 -13.33 -17.91
C LYS A 74 -14.70 -12.54 -17.21
N ARG A 75 -14.10 -13.15 -16.18
CA ARG A 75 -13.04 -12.50 -15.42
C ARG A 75 -11.81 -12.22 -16.26
N PHE A 76 -11.42 -13.19 -17.09
CA PHE A 76 -10.23 -13.05 -17.93
C PHE A 76 -10.37 -11.96 -18.98
N ILE A 77 -11.51 -11.92 -19.67
CA ILE A 77 -11.75 -10.92 -20.68
C ILE A 77 -11.88 -9.53 -20.02
N ASP A 78 -12.64 -9.45 -18.94
CA ASP A 78 -12.79 -8.17 -18.23
C ASP A 78 -11.40 -7.61 -17.87
N HIS A 79 -10.46 -8.49 -17.53
CA HIS A 79 -9.13 -8.01 -17.18
C HIS A 79 -8.44 -7.40 -18.38
N LEU A 80 -8.68 -7.97 -19.57
CA LEU A 80 -8.05 -7.42 -20.76
C LEU A 80 -8.67 -6.05 -21.01
N VAL A 81 -10.00 -5.98 -20.92
CA VAL A 81 -10.72 -4.71 -21.13
C VAL A 81 -10.13 -3.67 -20.19
N ARG A 82 -9.98 -4.08 -18.93
CA ARG A 82 -9.43 -3.22 -17.90
C ARG A 82 -8.07 -2.70 -18.34
N LEU A 83 -7.24 -3.60 -18.87
CA LEU A 83 -5.91 -3.22 -19.31
C LEU A 83 -5.96 -2.29 -20.52
N LYS A 84 -6.87 -2.56 -21.44
CA LYS A 84 -6.99 -1.73 -22.63
C LYS A 84 -7.43 -0.32 -22.27
N GLU A 85 -8.33 -0.22 -21.30
CA GLU A 85 -8.80 1.09 -20.86
C GLU A 85 -7.67 1.84 -20.16
N TYR A 86 -6.83 1.13 -19.43
CA TYR A 86 -5.71 1.76 -18.74
C TYR A 86 -4.80 2.45 -19.76
N PHE A 87 -4.62 1.81 -20.92
CA PHE A 87 -3.79 2.35 -21.99
C PHE A 87 -4.59 3.23 -22.95
N GLY A 88 -5.91 3.28 -22.76
CA GLY A 88 -6.76 4.08 -23.63
C GLY A 88 -6.84 3.52 -25.04
N TYR A 89 -6.79 2.20 -25.15
CA TYR A 89 -6.86 1.53 -26.43
C TYR A 89 -8.26 1.02 -26.74
N VAL A 90 -8.61 1.04 -28.03
CA VAL A 90 -9.91 0.55 -28.45
C VAL A 90 -9.68 -0.48 -29.55
N GLY A 91 -10.11 -1.71 -29.30
CA GLY A 91 -9.92 -2.77 -30.29
C GLY A 91 -9.95 -4.11 -29.59
N GLY A 92 -10.38 -5.16 -30.30
CA GLY A 92 -10.45 -6.48 -29.69
C GLY A 92 -9.23 -7.33 -29.94
N PHE A 93 -9.07 -8.37 -29.14
CA PHE A 93 -7.94 -9.29 -29.26
C PHE A 93 -8.41 -10.73 -29.14
N LEU A 94 -7.71 -11.63 -29.82
CA LEU A 94 -8.00 -13.05 -29.72
C LEU A 94 -7.03 -13.43 -28.61
N ILE A 95 -7.55 -14.01 -27.53
CA ILE A 95 -6.71 -14.40 -26.40
C ILE A 95 -6.51 -15.91 -26.38
N GLN A 96 -5.26 -16.34 -26.47
CA GLN A 96 -4.95 -17.76 -26.42
C GLN A 96 -4.04 -18.02 -25.23
N SER A 97 -4.62 -18.61 -24.18
CA SER A 97 -3.89 -18.91 -22.96
C SER A 97 -3.55 -20.40 -22.89
N SER A 98 -2.50 -20.72 -22.16
CA SER A 98 -2.05 -22.09 -22.02
C SER A 98 -1.19 -22.27 -20.77
N ASN A 99 -1.00 -23.51 -20.33
CA ASN A 99 -0.17 -23.81 -19.16
C ASN A 99 0.81 -24.89 -19.56
N ASN A 100 1.89 -25.03 -18.82
CA ASN A 100 2.85 -26.07 -19.13
C ASN A 100 2.63 -27.24 -18.19
N PHE A 101 1.56 -27.14 -17.40
CA PHE A 101 1.19 -28.21 -16.49
C PHE A 101 -0.14 -28.80 -16.92
N PRO A 102 -0.29 -30.13 -16.77
CA PRO A 102 -1.48 -30.89 -17.13
C PRO A 102 -2.79 -30.41 -16.53
N HIS A 103 -3.88 -30.68 -17.23
CA HIS A 103 -5.21 -30.29 -16.78
C HIS A 103 -5.60 -31.27 -15.67
N SER A 104 -5.24 -32.53 -15.87
CA SER A 104 -5.52 -33.60 -14.92
C SER A 104 -4.95 -33.36 -13.53
N SER A 105 -3.86 -32.59 -13.46
CA SER A 105 -3.22 -32.29 -12.18
C SER A 105 -4.15 -31.48 -11.29
N GLY A 106 -4.94 -30.61 -11.90
CA GLY A 106 -5.86 -29.78 -11.15
C GLY A 106 -5.17 -28.68 -10.37
N LEU A 107 -4.10 -28.14 -10.93
CA LEU A 107 -3.35 -27.08 -10.28
C LEU A 107 -4.02 -25.74 -10.60
N ALA A 108 -4.00 -24.82 -9.65
CA ALA A 108 -4.60 -23.51 -9.86
C ALA A 108 -3.81 -22.78 -10.94
N SER A 109 -4.50 -22.39 -12.01
CA SER A 109 -3.84 -21.70 -13.13
C SER A 109 -4.19 -20.22 -13.15
N SER A 110 -5.15 -19.83 -12.31
CA SER A 110 -5.61 -18.45 -12.26
C SER A 110 -4.49 -17.43 -12.04
N ALA A 111 -3.77 -17.57 -10.93
CA ALA A 111 -2.68 -16.65 -10.60
C ALA A 111 -1.69 -16.40 -11.74
N SER A 112 -1.11 -17.46 -12.28
CA SER A 112 -0.14 -17.30 -13.37
C SER A 112 -0.81 -16.86 -14.67
N SER A 113 -2.05 -17.28 -14.89
CA SER A 113 -2.74 -16.89 -16.11
C SER A 113 -2.94 -15.37 -16.17
N PHE A 114 -3.47 -14.80 -15.09
CA PHE A 114 -3.70 -13.36 -15.04
C PHE A 114 -2.39 -12.57 -15.11
N ALA A 115 -1.33 -13.09 -14.48
CA ALA A 115 -0.04 -12.40 -14.55
C ALA A 115 0.45 -12.38 -15.99
N ALA A 116 0.34 -13.52 -16.68
CA ALA A 116 0.75 -13.64 -18.08
C ALA A 116 -0.06 -12.68 -18.96
N LEU A 117 -1.37 -12.65 -18.76
CA LEU A 117 -2.23 -11.76 -19.52
C LEU A 117 -1.80 -10.31 -19.29
N THR A 118 -1.53 -9.97 -18.03
CA THR A 118 -1.13 -8.61 -17.71
C THR A 118 0.15 -8.24 -18.45
N LYS A 119 1.14 -9.12 -18.39
CA LYS A 119 2.42 -8.90 -19.04
C LYS A 119 2.30 -8.80 -20.56
N CYS A 120 1.55 -9.73 -21.16
CA CYS A 120 1.38 -9.70 -22.60
C CYS A 120 0.60 -8.45 -23.07
N ALA A 121 -0.48 -8.12 -22.37
CA ALA A 121 -1.28 -6.95 -22.75
C ALA A 121 -0.46 -5.68 -22.57
N SER A 122 0.35 -5.65 -21.52
CA SER A 122 1.19 -4.50 -21.25
C SER A 122 2.14 -4.27 -22.41
N ILE A 123 2.72 -5.35 -22.91
CA ILE A 123 3.65 -5.25 -24.03
C ILE A 123 2.87 -4.82 -25.27
N ALA A 124 1.86 -5.60 -25.63
CA ALA A 124 1.02 -5.33 -26.79
C ALA A 124 0.47 -3.90 -26.78
N LEU A 125 -0.16 -3.50 -25.68
CA LEU A 125 -0.76 -2.18 -25.59
C LEU A 125 0.25 -1.04 -25.58
N SER A 126 1.43 -1.33 -25.05
CA SER A 126 2.51 -0.35 -25.01
C SER A 126 2.96 0.00 -26.43
N GLU A 127 3.22 -1.03 -27.24
CA GLU A 127 3.66 -0.82 -28.62
C GLU A 127 2.56 -0.27 -29.53
N LEU A 128 1.31 -0.64 -29.27
CA LEU A 128 0.19 -0.17 -30.08
C LEU A 128 -0.19 1.28 -29.85
N THR A 129 -0.02 1.75 -28.61
CA THR A 129 -0.37 3.11 -28.26
C THR A 129 0.84 4.03 -28.17
N GLN A 130 2.03 3.45 -28.26
CA GLN A 130 3.27 4.21 -28.17
C GLN A 130 3.47 4.81 -26.79
N LYS A 131 2.94 4.13 -25.77
CA LYS A 131 3.08 4.56 -24.38
C LYS A 131 4.22 3.75 -23.79
N PRO A 132 4.81 4.23 -22.67
CA PRO A 132 5.90 3.48 -22.06
C PRO A 132 5.36 2.23 -21.41
N LEU A 133 6.18 1.19 -21.34
CA LEU A 133 5.76 -0.06 -20.71
C LEU A 133 5.74 0.17 -19.20
N PRO A 134 4.68 -0.30 -18.52
CA PRO A 134 4.59 -0.12 -17.07
C PRO A 134 5.66 -0.92 -16.33
N SER A 135 6.12 -0.38 -15.20
CA SER A 135 7.12 -1.06 -14.39
C SER A 135 6.54 -2.37 -13.87
N ILE A 136 7.40 -3.17 -13.26
CA ILE A 136 6.97 -4.44 -12.71
C ILE A 136 5.90 -4.20 -11.64
N ASP A 137 6.17 -3.25 -10.75
CA ASP A 137 5.25 -2.94 -9.67
C ASP A 137 3.90 -2.45 -10.18
N GLU A 138 3.91 -1.67 -11.25
CA GLU A 138 2.65 -1.17 -11.80
C GLU A 138 1.89 -2.33 -12.42
N GLN A 139 2.62 -3.25 -13.03
CA GLN A 139 1.98 -4.38 -13.67
C GLN A 139 1.34 -5.31 -12.64
N ALA A 140 2.04 -5.49 -11.52
CA ALA A 140 1.53 -6.34 -10.45
C ALA A 140 0.26 -5.74 -9.87
N GLN A 141 0.26 -4.42 -9.67
CA GLN A 141 -0.89 -3.71 -9.12
C GLN A 141 -2.08 -3.92 -10.04
N LEU A 142 -1.83 -3.83 -11.35
CA LEU A 142 -2.88 -4.01 -12.35
C LEU A 142 -3.39 -5.44 -12.32
N SER A 143 -2.45 -6.39 -12.38
CA SER A 143 -2.82 -7.81 -12.38
C SER A 143 -3.62 -8.11 -11.12
N ARG A 144 -3.28 -7.42 -10.04
CA ARG A 144 -3.96 -7.60 -8.76
C ARG A 144 -5.48 -7.48 -8.89
N LEU A 145 -5.93 -6.62 -9.80
CA LEU A 145 -7.36 -6.36 -10.00
C LEU A 145 -8.16 -7.48 -10.66
N GLY A 146 -7.48 -8.38 -11.34
CA GLY A 146 -8.16 -9.49 -11.97
C GLY A 146 -8.05 -10.71 -11.08
N SER A 147 -6.91 -10.85 -10.41
CA SER A 147 -6.64 -11.96 -9.51
C SER A 147 -5.68 -11.54 -8.41
N GLY A 148 -6.18 -11.53 -7.18
CA GLY A 148 -5.36 -11.13 -6.06
C GLY A 148 -4.04 -11.88 -6.00
N SER A 149 -4.11 -13.20 -6.08
CA SER A 149 -2.94 -14.07 -6.02
C SER A 149 -1.88 -13.75 -7.08
N SER A 150 -2.33 -13.32 -8.26
CA SER A 150 -1.41 -13.07 -9.35
C SER A 150 -0.34 -11.99 -9.13
N CYS A 151 -0.62 -11.01 -8.27
CA CYS A 151 0.36 -9.95 -8.04
C CYS A 151 1.64 -10.48 -7.44
N ARG A 152 1.56 -11.64 -6.78
CA ARG A 152 2.72 -12.26 -6.16
C ARG A 152 3.60 -12.99 -7.17
N SER A 153 3.07 -13.22 -8.37
CA SER A 153 3.85 -13.94 -9.39
C SER A 153 4.87 -13.07 -10.11
N PHE A 154 4.85 -11.75 -9.85
CA PHE A 154 5.76 -10.80 -10.46
C PHE A 154 7.09 -10.70 -9.71
N TYR A 155 7.25 -11.50 -8.67
CA TYR A 155 8.47 -11.46 -7.86
C TYR A 155 8.92 -12.89 -7.58
N ALA A 156 10.22 -13.06 -7.32
CA ALA A 156 10.82 -14.35 -7.03
C ALA A 156 12.15 -14.14 -6.32
N PRO A 157 12.60 -15.15 -5.54
CA PRO A 157 11.92 -16.43 -5.32
C PRO A 157 10.80 -16.39 -4.28
N TRP A 158 10.76 -15.32 -3.49
CA TRP A 158 9.71 -15.18 -2.48
C TRP A 158 9.00 -13.83 -2.64
N ALA A 159 7.70 -13.82 -2.42
CA ALA A 159 6.92 -12.58 -2.53
C ALA A 159 6.11 -12.30 -1.29
N LEU A 160 6.20 -11.08 -0.79
CA LEU A 160 5.44 -10.69 0.38
C LEU A 160 4.51 -9.57 -0.03
N TRP A 161 3.22 -9.78 0.22
CA TRP A 161 2.18 -8.82 -0.12
C TRP A 161 1.59 -8.28 1.17
N THR A 162 1.75 -6.97 1.38
CA THR A 162 1.22 -6.31 2.57
C THR A 162 0.57 -5.02 2.10
N GLY A 163 -0.69 -4.82 2.47
CA GLY A 163 -1.37 -3.61 2.04
C GLY A 163 -1.46 -3.57 0.53
N ASP A 164 -1.09 -2.45 -0.07
CA ASP A 164 -1.15 -2.34 -1.53
C ASP A 164 0.23 -2.47 -2.15
N LYS A 165 1.17 -3.03 -1.40
CA LYS A 165 2.53 -3.22 -1.91
C LYS A 165 2.94 -4.68 -1.91
N VAL A 166 3.57 -5.10 -2.99
CA VAL A 166 4.06 -6.46 -3.14
C VAL A 166 5.52 -6.38 -3.52
N SER A 167 6.35 -7.22 -2.90
CA SER A 167 7.77 -7.20 -3.19
C SER A 167 8.42 -8.55 -2.98
N ALA A 168 9.62 -8.69 -3.53
CA ALA A 168 10.38 -9.91 -3.36
C ALA A 168 11.02 -9.75 -1.99
N ILE A 169 10.97 -10.78 -1.16
CA ILE A 169 11.58 -10.70 0.17
C ILE A 169 12.74 -11.70 0.18
N ASP A 170 13.90 -11.24 0.67
CA ASP A 170 15.09 -12.07 0.71
C ASP A 170 15.10 -13.06 1.87
N LEU A 171 14.63 -14.28 1.60
CA LEU A 171 14.59 -15.32 2.61
C LEU A 171 15.68 -16.35 2.35
N PRO A 172 16.17 -17.01 3.40
CA PRO A 172 17.22 -18.03 3.45
C PRO A 172 17.15 -19.23 2.50
N TYR A 173 15.95 -19.64 2.09
CA TYR A 173 15.83 -20.81 1.22
C TYR A 173 15.51 -20.47 -0.23
N LYS A 174 16.12 -21.20 -1.15
CA LYS A 174 15.92 -20.99 -2.59
C LYS A 174 16.09 -22.34 -3.30
N ASP A 175 15.64 -22.42 -4.54
CA ASP A 175 15.75 -23.67 -5.28
C ASP A 175 15.17 -24.81 -4.45
N LEU A 176 13.90 -24.68 -4.07
CA LEU A 176 13.24 -25.71 -3.29
C LEU A 176 12.73 -26.78 -4.24
N LEU A 177 12.57 -28.00 -3.74
CA LEU A 177 12.02 -29.05 -4.58
C LEU A 177 10.53 -29.02 -4.29
N HIS A 178 9.71 -28.87 -5.33
CA HIS A 178 8.27 -28.80 -5.17
C HIS A 178 7.52 -29.99 -5.77
N GLN A 179 6.80 -30.72 -4.92
CA GLN A 179 6.02 -31.88 -5.36
C GLN A 179 4.55 -31.70 -4.97
N VAL A 180 3.66 -32.21 -5.81
CA VAL A 180 2.23 -32.13 -5.55
C VAL A 180 1.57 -33.50 -5.54
N ILE A 181 0.93 -33.83 -4.43
CA ILE A 181 0.22 -35.09 -4.33
C ILE A 181 -1.17 -34.80 -4.86
N VAL A 182 -1.44 -35.32 -6.05
CA VAL A 182 -2.73 -35.09 -6.70
C VAL A 182 -3.82 -36.01 -6.17
N ILE A 183 -4.81 -35.41 -5.52
CA ILE A 183 -5.93 -36.16 -4.99
C ILE A 183 -7.14 -35.78 -5.84
N SER A 184 -7.65 -36.76 -6.59
CA SER A 184 -8.79 -36.54 -7.48
C SER A 184 -9.97 -35.80 -6.86
N SER A 185 -10.54 -34.88 -7.62
CA SER A 185 -11.68 -34.09 -7.15
C SER A 185 -12.97 -34.89 -7.06
N GLN A 186 -13.85 -34.43 -6.19
CA GLN A 186 -15.16 -35.06 -6.02
C GLN A 186 -16.10 -34.27 -6.93
N GLU A 187 -17.14 -34.94 -7.41
CA GLU A 187 -18.12 -34.27 -8.27
C GLU A 187 -18.68 -33.07 -7.51
N LYS A 188 -19.11 -32.04 -8.24
CA LYS A 188 -19.68 -30.85 -7.60
C LYS A 188 -18.68 -30.14 -6.68
N GLU A 189 -17.41 -30.11 -7.07
CA GLU A 189 -16.37 -29.45 -6.27
C GLU A 189 -16.43 -27.92 -6.30
N ILE A 190 -16.41 -27.31 -5.12
CA ILE A 190 -16.47 -25.87 -4.98
C ILE A 190 -15.21 -25.16 -5.47
N PRO A 191 -15.34 -24.24 -6.43
CA PRO A 191 -14.19 -23.50 -6.97
C PRO A 191 -13.52 -22.62 -5.91
N SER A 192 -12.22 -22.43 -6.06
CA SER A 192 -11.44 -21.62 -5.14
C SER A 192 -12.13 -20.27 -4.88
N ARG A 193 -12.53 -19.62 -5.95
CA ARG A 193 -13.21 -18.33 -5.92
C ARG A 193 -14.45 -18.35 -5.02
N VAL A 194 -15.31 -19.35 -5.22
CA VAL A 194 -16.53 -19.49 -4.44
C VAL A 194 -16.26 -19.85 -2.98
N ALA A 195 -15.27 -20.72 -2.76
CA ALA A 195 -14.92 -21.13 -1.40
C ALA A 195 -14.54 -19.92 -0.57
N HIS A 196 -13.85 -18.97 -1.19
CA HIS A 196 -13.42 -17.75 -0.52
C HIS A 196 -14.63 -16.94 -0.08
N LYS A 197 -15.75 -17.11 -0.78
CA LYS A 197 -16.98 -16.41 -0.44
C LYS A 197 -17.70 -17.12 0.69
N LEU A 198 -17.84 -18.44 0.55
CA LEU A 198 -18.55 -19.24 1.54
C LEU A 198 -18.01 -19.18 2.96
N VAL A 199 -16.68 -19.05 3.10
CA VAL A 199 -16.08 -19.01 4.42
C VAL A 199 -16.47 -17.83 5.31
N LYS A 200 -17.20 -16.86 4.76
CA LYS A 200 -17.62 -15.70 5.53
C LYS A 200 -18.56 -16.12 6.67
N THR A 201 -19.25 -17.25 6.49
CA THR A 201 -20.18 -17.75 7.48
C THR A 201 -19.53 -18.55 8.61
N SER A 202 -18.25 -18.88 8.47
CA SER A 202 -17.58 -19.61 9.53
C SER A 202 -17.41 -18.69 10.74
N PRO A 203 -17.54 -19.23 11.95
CA PRO A 203 -17.39 -18.43 13.16
C PRO A 203 -15.96 -17.98 13.37
N PHE A 204 -15.03 -18.64 12.69
CA PHE A 204 -13.62 -18.32 12.83
C PHE A 204 -13.12 -17.37 11.74
N TYR A 205 -13.98 -17.05 10.79
CA TYR A 205 -13.59 -16.15 9.70
C TYR A 205 -13.22 -14.76 10.20
N GLU A 206 -14.07 -14.21 11.05
CA GLU A 206 -13.88 -12.88 11.64
C GLU A 206 -12.48 -12.66 12.21
N THR A 207 -11.94 -13.70 12.85
CA THR A 207 -10.63 -13.65 13.48
C THR A 207 -9.48 -14.26 12.65
N ARG A 208 -9.81 -14.66 11.42
CA ARG A 208 -8.84 -15.30 10.52
C ARG A 208 -7.58 -14.48 10.19
N SER A 209 -7.74 -13.19 9.93
CA SER A 209 -6.59 -12.35 9.61
C SER A 209 -5.65 -12.16 10.80
N GLU A 210 -6.22 -12.10 12.01
CA GLU A 210 -5.38 -11.95 13.20
C GLU A 210 -4.44 -13.14 13.29
N ARG A 211 -4.97 -14.34 13.08
CA ARG A 211 -4.16 -15.55 13.14
C ARG A 211 -3.10 -15.57 12.03
N ALA A 212 -3.50 -15.15 10.83
CA ALA A 212 -2.58 -15.13 9.68
C ALA A 212 -1.40 -14.21 9.94
N GLU A 213 -1.66 -13.06 10.54
CA GLU A 213 -0.60 -12.10 10.84
C GLU A 213 0.31 -12.68 11.92
N ALA A 214 -0.30 -13.32 12.91
CA ALA A 214 0.46 -13.92 14.00
C ALA A 214 1.33 -15.05 13.46
N ASN A 215 0.81 -15.79 12.49
CA ASN A 215 1.57 -16.89 11.90
C ASN A 215 2.69 -16.37 11.01
N LEU A 216 2.44 -15.24 10.36
CA LEU A 216 3.42 -14.62 9.48
C LEU A 216 4.64 -14.15 10.28
N LYS A 217 4.38 -13.55 11.44
CA LYS A 217 5.45 -13.08 12.30
C LYS A 217 6.29 -14.27 12.75
N LEU A 218 5.64 -15.37 13.10
CA LEU A 218 6.35 -16.56 13.54
C LEU A 218 7.14 -17.19 12.39
N LEU A 219 6.49 -17.29 11.24
CA LEU A 219 7.12 -17.86 10.06
C LEU A 219 8.38 -17.08 9.66
N LEU A 220 8.25 -15.76 9.56
CA LEU A 220 9.39 -14.92 9.18
C LEU A 220 10.54 -15.14 10.16
N ASN A 221 10.22 -15.25 11.45
CA ASN A 221 11.24 -15.49 12.45
C ASN A 221 11.85 -16.87 12.25
N ALA A 222 11.03 -17.81 11.79
CA ALA A 222 11.51 -19.18 11.54
C ALA A 222 12.52 -19.14 10.41
N PHE A 223 12.19 -18.39 9.35
CA PHE A 223 13.09 -18.25 8.21
C PHE A 223 14.44 -17.66 8.65
N GLU A 224 14.39 -16.55 9.36
CA GLU A 224 15.60 -15.89 9.84
C GLU A 224 16.49 -16.85 10.62
N ASN A 225 15.88 -17.71 11.42
CA ASN A 225 16.65 -18.67 12.21
C ASN A 225 16.93 -19.98 11.48
N LYS A 226 16.59 -20.07 10.21
CA LYS A 226 16.82 -21.32 9.48
C LYS A 226 16.23 -22.46 10.30
N ASP A 227 15.00 -22.26 10.77
CA ASP A 227 14.30 -23.26 11.57
C ASP A 227 13.20 -23.93 10.73
N TRP A 228 13.62 -24.89 9.90
CA TRP A 228 12.72 -25.62 9.00
C TRP A 228 11.57 -26.33 9.71
N THR A 229 11.85 -26.86 10.90
CA THR A 229 10.84 -27.56 11.68
C THR A 229 9.68 -26.61 12.04
N SER A 230 10.02 -25.37 12.38
CA SER A 230 8.98 -24.39 12.72
C SER A 230 8.23 -23.90 11.48
N ILE A 231 8.92 -23.83 10.35
CA ILE A 231 8.29 -23.40 9.11
C ILE A 231 7.22 -24.46 8.80
N TYR A 232 7.62 -25.73 8.90
CA TYR A 232 6.70 -26.84 8.67
C TYR A 232 5.45 -26.73 9.56
N GLN A 233 5.65 -26.64 10.87
CA GLN A 233 4.55 -26.56 11.83
C GLN A 233 3.64 -25.35 11.59
N ILE A 234 4.23 -24.18 11.41
CA ILE A 234 3.45 -22.97 11.17
C ILE A 234 2.63 -23.12 9.88
N CYS A 235 3.27 -23.52 8.79
CA CYS A 235 2.53 -23.68 7.55
C CYS A 235 1.43 -24.71 7.68
N TRP A 236 1.69 -25.72 8.51
CA TRP A 236 0.72 -26.78 8.75
C TRP A 236 -0.51 -26.17 9.42
N HIS A 237 -0.27 -25.40 10.48
CA HIS A 237 -1.34 -24.74 11.21
C HIS A 237 -2.09 -23.78 10.30
N GLU A 238 -1.35 -23.06 9.47
CA GLU A 238 -1.95 -22.10 8.55
C GLU A 238 -2.95 -22.71 7.55
N PHE A 239 -2.56 -23.74 6.80
CA PHE A 239 -3.52 -24.30 5.84
C PHE A 239 -4.67 -25.05 6.49
N LEU A 240 -4.43 -25.66 7.64
CA LEU A 240 -5.50 -26.37 8.33
C LEU A 240 -6.52 -25.35 8.85
N ASP A 241 -6.04 -24.17 9.20
CA ASP A 241 -6.91 -23.10 9.68
C ASP A 241 -7.91 -22.79 8.57
N HIS A 243 -8.73 -24.50 5.87
CA HIS A 243 -9.65 -25.60 5.58
C HIS A 243 -10.71 -25.80 6.64
N GLN A 244 -10.40 -25.48 7.90
CA GLN A 244 -11.41 -25.62 8.94
C GLN A 244 -12.53 -24.63 8.63
N LEU A 245 -12.18 -23.51 7.99
CA LEU A 245 -13.17 -22.49 7.63
C LEU A 245 -14.21 -23.08 6.69
N PHE A 246 -13.76 -23.86 5.72
CA PHE A 246 -14.69 -24.47 4.77
C PHE A 246 -15.70 -25.39 5.46
N LYS A 247 -15.24 -26.23 6.38
CA LYS A 247 -16.15 -27.16 7.06
C LYS A 247 -16.93 -26.61 8.24
N THR A 248 -16.70 -25.34 8.60
CA THR A 248 -17.45 -24.77 9.72
C THR A 248 -18.34 -23.61 9.26
N CYS A 249 -18.56 -23.48 7.96
CA CYS A 249 -19.42 -22.42 7.45
C CYS A 249 -20.87 -22.90 7.53
N GLU A 250 -21.79 -22.08 7.01
CA GLU A 250 -23.21 -22.40 7.02
C GLU A 250 -23.50 -23.79 6.45
N LYS A 251 -22.95 -24.07 5.27
CA LYS A 251 -23.13 -25.37 4.63
C LYS A 251 -21.74 -26.00 4.47
N PRO A 252 -21.28 -26.70 5.51
CA PRO A 252 -19.98 -27.38 5.54
C PRO A 252 -19.59 -28.17 4.29
N PHE A 253 -18.36 -27.94 3.83
CA PHE A 253 -17.83 -28.66 2.68
C PHE A 253 -16.34 -28.87 2.96
N SER A 254 -15.73 -29.83 2.29
CA SER A 254 -14.33 -30.09 2.55
C SER A 254 -13.61 -30.69 1.35
N TYR A 255 -12.39 -30.21 1.11
CA TYR A 255 -11.56 -30.73 0.02
C TYR A 255 -10.77 -31.88 0.60
N ILE A 256 -10.56 -31.82 1.90
CA ILE A 256 -9.81 -32.86 2.60
C ILE A 256 -10.76 -34.03 2.80
N THR A 257 -10.25 -35.24 2.58
CA THR A 257 -11.05 -36.45 2.77
C THR A 257 -10.21 -37.42 3.58
N ASP A 258 -10.77 -38.60 3.83
CA ASP A 258 -10.05 -39.63 4.57
C ASP A 258 -8.78 -39.98 3.81
N ASN A 259 -8.84 -39.90 2.49
CA ASN A 259 -7.66 -40.23 1.69
C ASN A 259 -6.57 -39.20 1.99
N THR A 260 -6.96 -37.92 2.03
CA THR A 260 -6.04 -36.84 2.32
C THR A 260 -5.44 -37.00 3.72
N LEU A 261 -6.30 -37.29 4.69
CA LEU A 261 -5.85 -37.45 6.07
C LEU A 261 -4.84 -38.58 6.22
N HIS A 262 -5.00 -39.64 5.44
CA HIS A 262 -4.07 -40.75 5.50
C HIS A 262 -2.67 -40.27 5.18
N ILE A 263 -2.52 -39.55 4.06
CA ILE A 263 -1.21 -39.08 3.66
C ILE A 263 -0.67 -37.96 4.56
N LEU A 264 -1.56 -37.11 5.09
CA LEU A 264 -1.11 -36.05 5.99
C LEU A 264 -0.56 -36.71 7.25
N SER A 265 -1.28 -37.71 7.75
CA SER A 265 -0.87 -38.45 8.94
C SER A 265 0.47 -39.13 8.68
N VAL A 266 0.64 -39.67 7.49
CA VAL A 266 1.89 -40.33 7.14
C VAL A 266 3.05 -39.33 7.17
N ILE A 267 2.81 -38.13 6.64
CA ILE A 267 3.85 -37.11 6.63
C ILE A 267 4.27 -36.76 8.06
N GLU A 268 3.30 -36.66 8.97
CA GLU A 268 3.60 -36.32 10.36
C GLU A 268 4.48 -37.41 10.96
N LYS A 269 4.06 -38.66 10.80
CA LYS A 269 4.82 -39.78 11.33
C LYS A 269 6.21 -39.80 10.71
N PHE A 270 6.29 -39.48 9.41
CA PHE A 270 7.58 -39.44 8.72
C PHE A 270 8.48 -38.42 9.42
N TRP A 271 7.91 -37.24 9.69
CA TRP A 271 8.64 -36.15 10.36
C TRP A 271 9.12 -36.55 11.76
N ASN A 272 8.29 -37.26 12.51
CA ASN A 272 8.65 -37.70 13.85
C ASN A 272 9.79 -38.69 13.81
N GLU A 273 9.70 -39.60 12.85
CA GLU A 273 10.69 -40.64 12.65
C GLU A 273 12.04 -40.10 12.18
N LYS A 274 12.03 -39.30 11.11
CA LYS A 274 13.25 -38.74 10.52
C LYS A 274 13.81 -37.50 11.21
N GLY A 275 12.96 -36.78 11.93
CA GLY A 275 13.40 -35.56 12.59
C GLY A 275 13.60 -34.46 11.56
N ASP A 276 13.07 -34.69 10.37
CA ASP A 276 13.17 -33.73 9.27
C ASP A 276 12.16 -34.14 8.20
N GLY A 277 11.74 -33.19 7.37
CA GLY A 277 10.78 -33.52 6.34
C GLY A 277 10.43 -32.34 5.47
N PRO A 278 9.30 -32.43 4.74
CA PRO A 278 8.88 -31.34 3.87
C PRO A 278 7.95 -30.32 4.53
N VAL A 279 7.89 -29.14 3.93
CA VAL A 279 6.98 -28.12 4.39
C VAL A 279 5.74 -28.48 3.59
N VAL A 280 4.56 -28.40 4.21
CA VAL A 280 3.32 -28.78 3.58
C VAL A 280 2.25 -27.70 3.60
N THR A 281 1.53 -27.56 2.49
CA THR A 281 0.45 -26.60 2.38
C THR A 281 -0.60 -27.11 1.43
N ASP A 283 -4.22 -25.35 -0.81
CA ASP A 283 -5.01 -24.19 -1.17
C ASP A 283 -6.47 -24.61 -1.10
N ALA A 284 -7.37 -23.80 -1.65
CA ALA A 284 -8.78 -24.18 -1.65
C ALA A 284 -8.93 -25.24 -2.73
N GLY A 285 -8.38 -26.43 -2.45
CA GLY A 285 -8.44 -27.51 -3.40
C GLY A 285 -8.03 -28.81 -2.74
N PRO A 286 -8.13 -29.96 -3.43
CA PRO A 286 -7.77 -31.28 -2.92
C PRO A 286 -6.29 -31.67 -2.88
N ASN A 287 -5.49 -31.10 -3.78
CA ASN A 287 -4.07 -31.44 -3.84
C ASN A 287 -3.27 -31.04 -2.60
N VAL A 288 -2.19 -31.77 -2.34
CA VAL A 288 -1.34 -31.48 -1.19
C VAL A 288 0.05 -31.14 -1.73
N HIS A 289 0.56 -29.98 -1.33
CA HIS A 289 1.87 -29.52 -1.78
C HIS A 289 2.99 -29.80 -0.80
N LEU A 290 4.08 -30.31 -1.35
CA LEU A 290 5.27 -30.59 -0.57
C LEU A 290 6.38 -29.65 -1.06
N LEU A 291 7.16 -29.14 -0.11
CA LEU A 291 8.28 -28.27 -0.40
C LEU A 291 9.47 -28.79 0.38
N TYR A 292 10.56 -29.06 -0.34
CA TYR A 292 11.78 -29.60 0.25
C TYR A 292 12.93 -28.65 -0.03
N ARG A 293 13.92 -28.65 0.86
CA ARG A 293 15.11 -27.84 0.69
C ARG A 293 15.95 -28.45 -0.43
N SER A 294 16.80 -27.65 -1.07
CA SER A 294 17.64 -28.15 -2.14
C SER A 294 18.53 -29.28 -1.63
N ASP A 295 18.81 -29.29 -0.34
CA ASP A 295 19.65 -30.35 0.25
C ASP A 295 18.84 -31.56 0.74
N GLN A 296 17.54 -31.58 0.43
CA GLN A 296 16.70 -32.69 0.87
C GLN A 296 16.31 -33.62 -0.28
N THR A 297 16.99 -33.52 -1.41
CA THR A 297 16.67 -34.36 -2.56
C THR A 297 16.52 -35.83 -2.19
N ASP A 298 17.48 -36.37 -1.44
CA ASP A 298 17.40 -37.77 -1.06
C ASP A 298 16.27 -38.08 -0.09
N LEU A 299 16.01 -37.18 0.85
CA LEU A 299 14.94 -37.42 1.81
C LEU A 299 13.63 -37.45 1.04
N ALA A 300 13.49 -36.56 0.06
CA ALA A 300 12.30 -36.47 -0.76
C ALA A 300 12.07 -37.75 -1.56
N ARG A 301 13.13 -38.24 -2.20
CA ARG A 301 13.02 -39.46 -2.98
C ARG A 301 12.69 -40.63 -2.05
N GLN A 302 13.24 -40.60 -0.85
CA GLN A 302 12.98 -41.65 0.13
C GLN A 302 11.50 -41.65 0.56
N PHE A 303 10.94 -40.48 0.76
CA PHE A 303 9.54 -40.38 1.17
C PHE A 303 8.60 -40.76 0.01
N LYS A 304 8.93 -40.32 -1.19
CA LYS A 304 8.11 -40.64 -2.35
C LYS A 304 8.11 -42.15 -2.56
N SER A 305 9.30 -42.75 -2.45
CA SER A 305 9.45 -44.18 -2.62
C SER A 305 8.69 -44.96 -1.55
N ASP A 306 8.94 -44.62 -0.29
CA ASP A 306 8.32 -45.32 0.81
C ASP A 306 6.85 -45.03 1.12
N HIS A 307 6.32 -43.89 0.68
CA HIS A 307 4.93 -43.58 1.00
C HIS A 307 4.02 -43.03 -0.10
N LEU A 308 4.59 -42.61 -1.22
CA LEU A 308 3.77 -42.04 -2.31
C LEU A 308 3.54 -42.99 -3.46
N VAL A 309 4.61 -43.61 -3.94
CA VAL A 309 4.53 -44.54 -5.05
C VAL A 309 3.52 -45.65 -4.76
N GLY A 310 2.64 -45.89 -5.73
CA GLY A 310 1.63 -46.93 -5.55
C GLY A 310 0.41 -46.51 -4.76
N ASN A 311 0.45 -45.32 -4.19
CA ASN A 311 -0.68 -44.82 -3.39
C ASN A 311 -1.30 -43.54 -3.92
N TYR A 312 -0.47 -42.61 -4.34
CA TYR A 312 -0.96 -41.34 -4.87
C TYR A 312 -0.17 -40.93 -6.08
N ASP A 313 -0.81 -40.18 -6.98
CA ASP A 313 -0.10 -39.70 -8.14
C ASP A 313 0.67 -38.51 -7.65
N VAL A 314 1.87 -38.30 -8.19
CA VAL A 314 2.70 -37.18 -7.78
C VAL A 314 3.21 -36.39 -8.97
N LEU A 315 3.23 -35.07 -8.84
CA LEU A 315 3.73 -34.21 -9.91
C LEU A 315 5.02 -33.54 -9.46
N HIS B 2 4.22 28.88 -20.42
CA HIS B 2 3.90 28.25 -19.11
C HIS B 2 4.94 28.55 -18.02
N TRP B 3 4.56 28.28 -16.78
CA TRP B 3 5.43 28.52 -15.63
C TRP B 3 5.32 27.32 -14.70
N PHE B 4 6.37 27.07 -13.92
CA PHE B 4 6.41 25.91 -13.02
C PHE B 4 7.17 26.23 -11.73
N ALA B 5 6.79 25.55 -10.64
CA ALA B 5 7.47 25.72 -9.36
C ALA B 5 7.08 24.59 -8.41
N GLN B 6 7.93 24.31 -7.44
CA GLN B 6 7.67 23.24 -6.46
C GLN B 6 7.83 23.77 -5.04
N ALA B 7 7.35 22.99 -4.07
CA ALA B 7 7.47 23.35 -2.68
C ALA B 7 7.45 22.06 -1.87
N PRO B 8 8.18 22.02 -0.75
CA PRO B 8 8.21 20.82 0.06
C PRO B 8 7.10 20.76 1.09
N ALA B 9 6.73 19.54 1.47
CA ALA B 9 5.70 19.37 2.49
C ALA B 9 6.42 19.59 3.82
N ASN B 10 5.66 19.64 4.91
CA ASN B 10 6.26 19.79 6.21
C ASN B 10 5.41 19.09 7.25
N ILE B 11 6.06 18.61 8.30
CA ILE B 11 5.38 17.92 9.37
C ILE B 11 5.58 18.70 10.67
N ALA B 12 4.47 19.08 11.29
CA ALA B 12 4.50 19.86 12.52
C ALA B 12 4.65 19.04 13.80
N LEU B 13 5.58 19.46 14.65
CA LEU B 13 5.82 18.82 15.92
C LEU B 13 4.82 19.43 16.90
N ILE B 14 4.57 20.73 16.74
CA ILE B 14 3.59 21.45 17.55
C ILE B 14 2.58 21.92 16.50
N LYS B 15 1.33 21.47 16.64
CA LYS B 15 0.26 21.77 15.71
C LYS B 15 -0.37 23.15 15.73
N TYR B 16 -0.61 23.68 14.53
CA TYR B 16 -1.26 24.96 14.33
C TYR B 16 -2.75 24.67 14.39
N GLY B 18 -5.16 25.14 12.38
CA GLY B 18 -6.11 26.11 11.85
C GLY B 18 -6.78 26.95 12.91
N LYS B 19 -6.32 26.85 14.15
CA LYS B 19 -6.90 27.63 15.23
C LYS B 19 -6.32 29.04 15.11
N LYS B 20 -7.15 29.99 14.67
CA LYS B 20 -6.70 31.36 14.48
C LYS B 20 -7.75 32.41 14.82
N ASP B 21 -7.27 33.61 15.12
CA ASP B 21 -8.16 34.73 15.44
C ASP B 21 -8.72 35.16 14.08
N GLU B 22 -10.02 34.89 13.86
CA GLU B 22 -10.62 35.24 12.58
C GLU B 22 -10.85 36.73 12.38
N ASN B 23 -10.03 37.53 13.05
CA ASN B 23 -10.11 38.97 12.95
C ASN B 23 -8.82 39.46 12.31
N SER B 24 -7.70 39.15 12.96
CA SER B 24 -6.37 39.53 12.47
C SER B 24 -5.77 38.41 11.63
N ASN B 25 -6.38 37.24 11.72
CA ASN B 25 -5.94 36.05 11.00
C ASN B 25 -4.61 35.55 11.55
N LEU B 26 -4.32 35.93 12.79
CA LEU B 26 -3.10 35.50 13.46
C LEU B 26 -3.39 34.14 14.09
N PRO B 27 -2.38 33.27 14.18
CA PRO B 27 -2.59 31.95 14.78
C PRO B 27 -2.75 32.01 16.30
N ASP B 28 -3.70 31.24 16.83
CA ASP B 28 -3.93 31.23 18.27
C ASP B 28 -2.71 30.75 19.03
N ASN B 29 -1.95 29.83 18.45
CA ASN B 29 -0.74 29.35 19.09
C ASN B 29 0.35 29.13 18.05
N SER B 30 1.60 29.14 18.50
CA SER B 30 2.73 28.95 17.59
C SER B 30 2.79 27.51 17.08
N SER B 31 3.48 27.31 15.97
CA SER B 31 3.65 25.98 15.40
C SER B 31 5.09 25.81 14.93
N LEU B 32 5.63 24.61 15.13
CA LEU B 32 6.99 24.26 14.73
C LEU B 32 6.93 23.01 13.86
N SER B 33 7.56 23.04 12.69
CA SER B 33 7.52 21.90 11.79
C SER B 33 8.85 21.58 11.11
N TYR B 34 9.00 20.32 10.73
CA TYR B 34 10.20 19.87 10.04
C TYR B 34 9.91 19.89 8.54
N THR B 35 10.80 20.49 7.76
CA THR B 35 10.59 20.57 6.33
C THR B 35 11.06 19.28 5.64
N LEU B 36 10.12 18.62 4.97
CA LEU B 36 10.37 17.37 4.26
C LEU B 36 10.77 17.69 2.82
N SER B 37 12.04 18.01 2.65
CA SER B 37 12.59 18.38 1.34
C SER B 37 12.51 17.37 0.20
N ASN B 38 12.27 16.10 0.51
CA ASN B 38 12.18 15.09 -0.53
C ASN B 38 10.76 14.84 -0.99
N LEU B 39 9.77 15.37 -0.27
CA LEU B 39 8.37 15.21 -0.65
C LEU B 39 7.93 16.53 -1.25
N LEU B 40 7.74 16.55 -2.58
CA LEU B 40 7.37 17.79 -3.24
C LEU B 40 6.03 17.82 -3.97
N SER B 41 5.44 19.01 -3.97
CA SER B 41 4.20 19.26 -4.69
C SER B 41 4.66 20.19 -5.81
N SER B 42 4.05 20.06 -6.98
CA SER B 42 4.42 20.88 -8.12
C SER B 42 3.22 21.55 -8.74
N VAL B 43 3.47 22.71 -9.34
CA VAL B 43 2.39 23.44 -10.02
C VAL B 43 2.85 24.05 -11.33
N LYS B 44 2.12 23.73 -12.39
CA LYS B 44 2.41 24.28 -13.70
C LYS B 44 1.24 25.18 -14.06
N LEU B 45 1.55 26.36 -14.57
CA LEU B 45 0.52 27.30 -14.97
C LEU B 45 0.67 27.69 -16.43
N GLU B 46 -0.45 27.72 -17.15
CA GLU B 46 -0.49 28.09 -18.55
C GLU B 46 -1.70 29.01 -18.74
N LYS B 47 -1.52 30.10 -19.47
CA LYS B 47 -2.63 31.02 -19.70
C LYS B 47 -3.76 30.38 -20.50
N LEU B 48 -4.96 30.90 -20.28
CA LEU B 48 -6.14 30.43 -21.00
C LEU B 48 -6.73 31.69 -21.61
N PRO B 49 -7.35 31.57 -22.80
CA PRO B 49 -7.94 32.77 -23.41
C PRO B 49 -9.15 33.25 -22.62
N THR B 50 -9.51 32.48 -21.59
CA THR B 50 -10.63 32.80 -20.72
C THR B 50 -10.16 33.60 -19.51
N LYS B 51 -11.10 34.16 -18.77
CA LYS B 51 -10.77 34.93 -17.58
C LYS B 51 -10.86 34.07 -16.33
N LYS B 52 -11.40 32.87 -16.49
CA LYS B 52 -11.58 31.94 -15.38
C LYS B 52 -10.54 30.83 -15.35
N ASP B 53 -10.08 30.49 -14.16
CA ASP B 53 -9.08 29.43 -14.01
C ASP B 53 -9.70 28.03 -14.04
N ILE B 54 -8.91 27.04 -14.42
CA ILE B 54 -9.35 25.66 -14.44
C ILE B 54 -8.31 24.83 -13.68
N TRP B 55 -8.78 23.92 -12.82
CA TRP B 55 -7.90 23.08 -12.04
C TRP B 55 -7.92 21.63 -12.51
N GLU B 56 -6.77 21.16 -12.98
CA GLU B 56 -6.64 19.80 -13.48
C GLU B 56 -5.47 19.11 -12.79
N PRO B 57 -5.74 18.40 -11.69
CA PRO B 57 -4.68 17.70 -10.97
C PRO B 57 -4.09 16.59 -11.83
N LEU B 58 -2.80 16.33 -11.66
CA LEU B 58 -2.11 15.31 -12.45
C LEU B 58 -1.39 14.30 -11.57
N THR B 59 -1.20 13.10 -12.12
CA THR B 59 -0.50 12.03 -11.41
C THR B 59 0.98 12.24 -11.73
N ILE B 60 1.85 11.55 -10.99
CA ILE B 60 3.29 11.69 -11.20
C ILE B 60 3.73 11.71 -12.67
N PRO B 61 3.27 10.75 -13.48
CA PRO B 61 3.66 10.71 -14.90
C PRO B 61 3.18 11.92 -15.71
N GLY B 62 2.15 12.60 -15.23
CA GLY B 62 1.63 13.75 -15.96
C GLY B 62 0.28 13.49 -16.63
N ALA B 63 -0.37 12.41 -16.23
CA ALA B 63 -1.67 12.07 -16.79
C ALA B 63 -2.73 12.60 -15.84
N PRO B 64 -3.89 13.00 -16.39
CA PRO B 64 -4.96 13.53 -15.53
C PRO B 64 -5.37 12.59 -14.40
N GLU B 65 -5.50 13.15 -13.21
CA GLU B 65 -5.91 12.37 -12.05
C GLU B 65 -7.44 12.45 -11.92
N PHE B 66 -8.08 11.31 -11.67
CA PHE B 66 -9.53 11.31 -11.51
C PHE B 66 -9.79 11.91 -10.13
N ASN B 67 -10.39 13.09 -10.11
CA ASN B 67 -10.67 13.76 -8.85
C ASN B 67 -11.93 14.60 -8.99
N LEU B 68 -12.91 14.34 -8.13
CA LEU B 68 -14.19 15.05 -8.18
C LEU B 68 -14.38 15.98 -6.98
N SER B 69 -13.29 16.54 -6.47
CA SER B 69 -13.39 17.41 -5.32
C SER B 69 -14.00 18.77 -5.62
N VAL B 70 -14.73 19.30 -4.65
CA VAL B 70 -15.35 20.60 -4.78
C VAL B 70 -14.66 21.54 -3.81
N GLU B 71 -14.62 21.14 -2.55
CA GLU B 71 -14.01 21.93 -1.49
C GLU B 71 -12.53 22.22 -1.73
N ALA B 72 -11.74 21.18 -1.96
CA ALA B 72 -10.31 21.37 -2.19
C ALA B 72 -10.08 22.24 -3.41
N GLN B 73 -10.81 21.95 -4.48
CA GLN B 73 -10.68 22.71 -5.72
C GLN B 73 -11.06 24.16 -5.47
N LYS B 74 -12.15 24.35 -4.74
CA LYS B 74 -12.65 25.68 -4.41
C LYS B 74 -11.55 26.53 -3.78
N ARG B 75 -10.91 26.00 -2.75
CA ARG B 75 -9.85 26.73 -2.08
C ARG B 75 -8.64 27.02 -2.97
N PHE B 76 -8.24 26.04 -3.76
CA PHE B 76 -7.08 26.23 -4.63
C PHE B 76 -7.32 27.33 -5.66
N ILE B 77 -8.48 27.32 -6.29
CA ILE B 77 -8.80 28.34 -7.29
C ILE B 77 -8.89 29.71 -6.63
N ASP B 78 -9.58 29.79 -5.49
CA ASP B 78 -9.71 31.07 -4.79
C ASP B 78 -8.33 31.65 -4.47
N HIS B 79 -7.36 30.81 -4.14
CA HIS B 79 -6.03 31.32 -3.81
C HIS B 79 -5.37 31.92 -5.06
N LEU B 80 -5.54 31.27 -6.20
CA LEU B 80 -4.95 31.82 -7.43
C LEU B 80 -5.62 33.15 -7.74
N VAL B 81 -6.94 33.21 -7.58
CA VAL B 81 -7.67 34.45 -7.84
C VAL B 81 -7.16 35.52 -6.89
N ARG B 82 -6.90 35.12 -5.65
CA ARG B 82 -6.38 36.01 -4.63
C ARG B 82 -5.05 36.58 -5.11
N LEU B 83 -4.21 35.70 -5.66
CA LEU B 83 -2.90 36.11 -6.14
C LEU B 83 -3.01 37.01 -7.36
N LYS B 84 -3.93 36.69 -8.27
CA LYS B 84 -4.13 37.52 -9.46
C LYS B 84 -4.59 38.92 -9.04
N GLU B 85 -5.34 39.00 -7.93
CA GLU B 85 -5.79 40.30 -7.44
C GLU B 85 -4.57 41.08 -6.92
N TYR B 86 -3.70 40.40 -6.19
CA TYR B 86 -2.51 41.04 -5.65
C TYR B 86 -1.67 41.69 -6.75
N PHE B 87 -1.63 41.05 -7.92
CA PHE B 87 -0.85 41.57 -9.05
C PHE B 87 -1.72 42.38 -10.01
N GLY B 88 -3.00 42.52 -9.69
CA GLY B 88 -3.90 43.27 -10.56
C GLY B 88 -3.91 42.66 -11.95
N TYR B 89 -3.94 41.34 -12.00
CA TYR B 89 -3.94 40.64 -13.27
C TYR B 89 -5.32 40.10 -13.61
N VAL B 90 -5.72 40.24 -14.87
CA VAL B 90 -7.01 39.72 -15.32
C VAL B 90 -6.74 38.66 -16.39
N GLY B 91 -7.23 37.45 -16.14
CA GLY B 91 -7.02 36.35 -17.07
C GLY B 91 -7.06 35.02 -16.34
N GLY B 92 -7.40 33.96 -17.06
CA GLY B 92 -7.48 32.64 -16.46
C GLY B 92 -6.26 31.79 -16.72
N PHE B 93 -6.08 30.76 -15.89
CA PHE B 93 -4.94 29.86 -16.02
C PHE B 93 -5.42 28.43 -15.88
N LEU B 94 -4.76 27.53 -16.60
CA LEU B 94 -5.03 26.11 -16.47
C LEU B 94 -4.02 25.76 -15.39
N ILE B 95 -4.50 25.21 -14.27
CA ILE B 95 -3.63 24.83 -13.15
C ILE B 95 -3.41 23.33 -13.11
N GLN B 96 -2.17 22.90 -13.26
CA GLN B 96 -1.86 21.47 -13.19
C GLN B 96 -0.93 21.23 -12.00
N SER B 97 -1.48 20.63 -10.95
CA SER B 97 -0.72 20.34 -9.73
C SER B 97 -0.37 18.86 -9.70
N SER B 98 0.70 18.52 -8.99
CA SER B 98 1.16 17.14 -8.91
C SER B 98 2.01 16.92 -7.66
N ASN B 99 2.16 15.65 -7.28
CA ASN B 99 2.94 15.26 -6.11
C ASN B 99 3.98 14.24 -6.54
N ASN B 100 5.12 14.23 -5.85
CA ASN B 100 6.16 13.27 -6.18
C ASN B 100 6.07 12.11 -5.19
N PHE B 101 5.10 12.19 -4.29
CA PHE B 101 4.93 11.14 -3.30
C PHE B 101 3.73 10.22 -3.55
N PRO B 102 3.86 8.93 -3.18
CA PRO B 102 2.94 7.81 -3.27
C PRO B 102 1.47 8.07 -3.53
N HIS B 103 0.99 9.24 -3.11
CA HIS B 103 -0.42 9.59 -3.30
C HIS B 103 -1.29 8.72 -2.39
N SER B 104 -2.44 9.27 -2.00
CA SER B 104 -3.36 8.56 -1.13
C SER B 104 -2.58 7.97 0.05
N SER B 105 -3.21 7.04 0.74
CA SER B 105 -2.57 6.41 1.90
C SER B 105 -2.08 7.53 2.80
N GLY B 106 -2.87 8.60 2.89
CA GLY B 106 -2.51 9.73 3.72
C GLY B 106 -1.82 10.81 2.90
N LEU B 107 -0.67 11.26 3.38
CA LEU B 107 0.12 12.29 2.70
C LEU B 107 -0.68 13.55 2.37
N ALA B 108 -0.65 14.53 3.26
CA ALA B 108 -1.37 15.78 3.04
C ALA B 108 -0.61 16.61 2.00
N SER B 109 -1.26 16.89 0.87
CA SER B 109 -0.65 17.68 -0.21
C SER B 109 -0.94 19.15 0.02
N SER B 110 -2.01 19.41 0.78
CA SER B 110 -2.46 20.75 1.11
C SER B 110 -1.38 21.81 1.22
N ALA B 111 -0.56 21.72 2.26
CA ALA B 111 0.49 22.70 2.51
C ALA B 111 1.50 22.89 1.39
N SER B 112 2.06 21.80 0.88
CA SER B 112 3.04 21.93 -0.18
C SER B 112 2.38 22.39 -1.48
N SER B 113 1.13 22.00 -1.70
CA SER B 113 0.43 22.39 -2.91
C SER B 113 0.16 23.90 -2.97
N PHE B 114 -0.28 24.48 -1.87
CA PHE B 114 -0.54 25.91 -1.84
C PHE B 114 0.76 26.70 -1.92
N ALA B 115 1.83 26.13 -1.36
CA ALA B 115 3.13 26.81 -1.41
C ALA B 115 3.63 26.85 -2.84
N ALA B 116 3.51 25.72 -3.54
CA ALA B 116 3.95 25.64 -4.92
C ALA B 116 3.10 26.56 -5.79
N LEU B 117 1.80 26.59 -5.54
CA LEU B 117 0.91 27.46 -6.32
C LEU B 117 1.32 28.91 -6.08
N THR B 118 1.56 29.27 -4.83
CA THR B 118 1.95 30.64 -4.53
C THR B 118 3.25 30.99 -5.27
N LYS B 119 4.22 30.08 -5.21
CA LYS B 119 5.51 30.30 -5.89
C LYS B 119 5.36 30.46 -7.40
N CYS B 120 4.64 29.52 -8.02
CA CYS B 120 4.44 29.52 -9.46
C CYS B 120 3.66 30.74 -9.97
N ALA B 121 2.60 31.11 -9.24
CA ALA B 121 1.79 32.25 -9.64
C ALA B 121 2.59 33.54 -9.49
N SER B 122 3.49 33.59 -8.51
CA SER B 122 4.28 34.77 -8.30
C SER B 122 5.22 34.98 -9.47
N ILE B 123 5.84 33.89 -9.92
CA ILE B 123 6.74 33.94 -11.05
C ILE B 123 5.95 34.40 -12.27
N ALA B 124 4.89 33.65 -12.57
CA ALA B 124 4.04 33.94 -13.72
C ALA B 124 3.44 35.33 -13.72
N LEU B 125 2.79 35.70 -12.63
CA LEU B 125 2.13 37.01 -12.52
C LEU B 125 3.11 38.17 -12.54
N SER B 126 4.23 38.02 -11.83
CA SER B 126 5.24 39.08 -11.77
C SER B 126 5.72 39.37 -13.19
N GLU B 127 6.01 38.31 -13.94
CA GLU B 127 6.46 38.43 -15.33
C GLU B 127 5.38 39.05 -16.21
N LEU B 128 4.16 38.50 -16.12
CA LEU B 128 3.06 38.99 -16.94
C LEU B 128 2.68 40.45 -16.74
N THR B 129 2.71 40.93 -15.50
CA THR B 129 2.35 42.32 -15.22
C THR B 129 3.56 43.23 -15.08
N GLN B 130 4.76 42.68 -15.19
CA GLN B 130 5.98 43.47 -15.05
C GLN B 130 5.98 44.16 -13.68
N LYS B 131 5.64 43.40 -12.64
CA LYS B 131 5.61 43.89 -11.27
C LYS B 131 6.77 43.27 -10.51
N PRO B 132 7.21 43.90 -9.41
CA PRO B 132 8.33 43.35 -8.64
C PRO B 132 7.94 41.97 -8.12
N LEU B 133 8.87 41.03 -8.18
CA LEU B 133 8.61 39.69 -7.67
C LEU B 133 8.73 39.74 -6.15
N PRO B 134 7.70 39.30 -5.43
CA PRO B 134 7.78 39.34 -3.97
C PRO B 134 8.89 38.43 -3.44
N SER B 135 9.47 38.81 -2.31
CA SER B 135 10.54 38.03 -1.70
C SER B 135 9.97 36.75 -1.10
N ILE B 136 10.86 35.83 -0.72
CA ILE B 136 10.49 34.57 -0.09
C ILE B 136 9.57 34.81 1.10
N ASP B 137 9.99 35.68 2.01
CA ASP B 137 9.18 35.98 3.18
C ASP B 137 7.79 36.46 2.79
N GLU B 138 7.71 37.29 1.75
CA GLU B 138 6.42 37.80 1.32
C GLU B 138 5.56 36.72 0.71
N GLN B 139 6.19 35.80 -0.01
CA GLN B 139 5.44 34.72 -0.64
C GLN B 139 4.85 33.81 0.44
N ALA B 140 5.58 33.65 1.53
CA ALA B 140 5.11 32.83 2.65
C ALA B 140 3.85 33.49 3.20
N GLN B 141 3.93 34.81 3.38
CA GLN B 141 2.81 35.61 3.88
C GLN B 141 1.56 35.42 3.02
N LEU B 142 1.77 35.48 1.71
CA LEU B 142 0.68 35.33 0.74
C LEU B 142 0.09 33.92 0.78
N SER B 143 0.96 32.92 0.71
CA SER B 143 0.54 31.53 0.74
C SER B 143 -0.28 31.29 1.99
N ARG B 144 0.12 31.95 3.08
CA ARG B 144 -0.56 31.85 4.36
C ARG B 144 -2.05 32.10 4.21
N LEU B 145 -2.40 33.08 3.38
CA LEU B 145 -3.79 33.44 3.16
C LEU B 145 -4.60 32.30 2.56
N GLY B 146 -3.94 31.39 1.87
CA GLY B 146 -4.65 30.27 1.28
C GLY B 146 -4.59 29.06 2.18
N SER B 147 -3.42 28.80 2.74
CA SER B 147 -3.19 27.66 3.64
C SER B 147 -2.20 28.05 4.73
N GLY B 148 -2.68 28.11 5.98
CA GLY B 148 -1.80 28.46 7.08
C GLY B 148 -0.53 27.61 7.09
N SER B 149 -0.72 26.30 7.04
CA SER B 149 0.37 25.34 7.06
C SER B 149 1.40 25.57 5.98
N SER B 150 0.94 26.03 4.82
CA SER B 150 1.86 26.24 3.72
C SER B 150 2.94 27.28 3.94
N CYS B 151 2.70 28.26 4.81
CA CYS B 151 3.70 29.31 5.03
C CYS B 151 4.98 28.73 5.62
N ARG B 152 4.83 27.63 6.34
CA ARG B 152 5.97 26.95 6.94
C ARG B 152 6.79 26.16 5.92
N SER B 153 6.23 25.97 4.72
CA SER B 153 6.94 25.21 3.69
C SER B 153 7.96 26.06 2.92
N PHE B 154 8.07 27.34 3.27
CA PHE B 154 9.00 28.27 2.61
C PHE B 154 10.34 28.35 3.31
N TYR B 155 10.48 27.61 4.40
CA TYR B 155 11.70 27.61 5.20
C TYR B 155 12.18 26.18 5.44
N ALA B 156 13.47 26.02 5.70
CA ALA B 156 14.05 24.72 5.96
C ALA B 156 15.36 24.91 6.72
N PRO B 157 15.79 23.90 7.49
CA PRO B 157 15.10 22.62 7.68
C PRO B 157 13.96 22.66 8.69
N TRP B 158 14.00 23.61 9.60
CA TRP B 158 12.95 23.77 10.61
C TRP B 158 12.30 25.15 10.45
N ALA B 159 10.98 25.19 10.58
CA ALA B 159 10.24 26.44 10.47
C ALA B 159 9.46 26.75 11.75
N LEU B 160 9.58 27.99 12.23
CA LEU B 160 8.85 28.41 13.43
C LEU B 160 7.87 29.53 13.07
N TRP B 161 6.60 29.30 13.37
CA TRP B 161 5.53 30.25 13.10
C TRP B 161 4.91 30.73 14.41
N THR B 162 5.25 31.95 14.81
CA THR B 162 4.76 32.57 16.03
C THR B 162 4.27 33.97 15.73
N GLY B 163 3.06 34.30 16.17
CA GLY B 163 2.52 35.63 15.94
C GLY B 163 2.40 35.97 14.47
N ASP B 164 2.98 37.10 14.08
CA ASP B 164 2.92 37.57 12.70
C ASP B 164 4.14 37.14 11.88
N LYS B 165 4.98 36.28 12.44
CA LYS B 165 6.19 35.85 11.74
C LYS B 165 6.43 34.36 11.57
N VAL B 166 6.94 34.00 10.40
CA VAL B 166 7.29 32.62 10.08
C VAL B 166 8.71 32.70 9.56
N SER B 167 9.58 31.81 10.02
CA SER B 167 10.94 31.86 9.53
C SER B 167 11.62 30.54 9.84
N ALA B 168 12.84 30.39 9.33
CA ALA B 168 13.60 29.18 9.60
C ALA B 168 14.14 29.34 11.01
N ILE B 169 14.30 28.23 11.71
CA ILE B 169 14.86 28.28 13.06
C ILE B 169 15.95 27.22 13.13
N ASP B 170 17.12 27.60 13.65
CA ASP B 170 18.23 26.68 13.72
C ASP B 170 18.18 25.75 14.93
N LEU B 171 17.96 24.47 14.66
CA LEU B 171 17.87 23.46 15.71
C LEU B 171 18.91 22.37 15.47
N PRO B 172 19.38 21.73 16.56
CA PRO B 172 20.38 20.66 16.64
C PRO B 172 20.25 19.38 15.80
N TYR B 173 19.09 19.10 15.23
CA TYR B 173 18.94 17.89 14.41
C TYR B 173 18.43 18.29 13.03
N LYS B 174 19.26 18.12 12.01
CA LYS B 174 18.89 18.55 10.67
C LYS B 174 18.57 17.51 9.58
N ASP B 175 19.28 16.40 9.54
CA ASP B 175 19.02 15.40 8.49
C ASP B 175 18.33 14.16 9.02
N LEU B 176 17.02 14.26 9.25
CA LEU B 176 16.23 13.17 9.78
C LEU B 176 15.73 12.21 8.72
N LEU B 177 15.43 10.98 9.14
CA LEU B 177 14.88 9.96 8.27
C LEU B 177 13.38 9.94 8.54
N HIS B 178 12.59 10.24 7.52
CA HIS B 178 11.13 10.30 7.64
C HIS B 178 10.47 9.07 7.06
N GLN B 179 9.60 8.43 7.86
CA GLN B 179 8.87 7.25 7.41
C GLN B 179 7.42 7.41 7.85
N VAL B 180 6.50 6.89 7.04
CA VAL B 180 5.09 6.99 7.33
C VAL B 180 4.49 5.61 7.48
N ILE B 181 3.83 5.35 8.61
CA ILE B 181 3.17 4.07 8.82
C ILE B 181 1.79 4.30 8.22
N VAL B 182 1.43 3.53 7.20
CA VAL B 182 0.14 3.69 6.54
C VAL B 182 -1.03 2.92 7.13
N ILE B 183 -1.98 3.66 7.69
CA ILE B 183 -3.19 3.07 8.25
C ILE B 183 -4.31 3.54 7.32
N SER B 184 -4.89 2.62 6.55
CA SER B 184 -5.96 2.96 5.62
C SER B 184 -7.16 3.66 6.28
N SER B 185 -7.70 4.67 5.61
CA SER B 185 -8.83 5.43 6.13
C SER B 185 -10.13 4.62 6.15
N GLN B 186 -11.02 4.98 7.07
CA GLN B 186 -12.32 4.32 7.21
C GLN B 186 -13.28 4.87 6.15
N GLU B 187 -14.38 4.16 5.93
CA GLU B 187 -15.40 4.49 4.93
C GLU B 187 -15.78 5.96 4.75
N LYS B 188 -16.15 6.64 5.83
CA LYS B 188 -16.54 8.04 5.68
C LYS B 188 -15.75 8.98 6.56
N GLU B 189 -14.44 9.01 6.30
CA GLU B 189 -13.49 9.83 7.05
C GLU B 189 -13.72 11.32 6.98
N ILE B 190 -13.60 11.98 8.12
CA ILE B 190 -13.78 13.43 8.19
C ILE B 190 -12.51 14.15 7.73
N PRO B 191 -12.65 15.06 6.74
CA PRO B 191 -11.52 15.84 6.21
C PRO B 191 -10.79 16.66 7.25
N SER B 192 -9.48 16.76 7.08
CA SER B 192 -8.63 17.51 7.98
C SER B 192 -9.17 18.90 8.28
N ARG B 193 -9.66 19.59 7.26
CA ARG B 193 -10.18 20.93 7.46
C ARG B 193 -11.50 20.95 8.25
N VAL B 194 -12.34 19.92 8.09
CA VAL B 194 -13.60 19.86 8.81
C VAL B 194 -13.34 19.50 10.27
N ALA B 195 -12.27 18.75 10.51
CA ALA B 195 -11.90 18.34 11.86
C ALA B 195 -11.54 19.58 12.66
N HIS B 196 -10.86 20.51 11.99
CA HIS B 196 -10.45 21.75 12.64
C HIS B 196 -11.64 22.54 13.16
N LYS B 197 -12.80 22.38 12.51
CA LYS B 197 -13.98 23.10 12.96
C LYS B 197 -14.73 22.34 14.06
N LEU B 198 -14.88 21.03 13.88
CA LEU B 198 -15.59 20.19 14.85
C LEU B 198 -15.02 20.20 16.26
N VAL B 199 -13.70 20.24 16.39
CA VAL B 199 -13.08 20.23 17.70
C VAL B 199 -13.49 21.40 18.59
N LYS B 200 -14.14 22.40 18.00
CA LYS B 200 -14.58 23.56 18.76
C LYS B 200 -15.46 23.21 19.95
N THR B 201 -16.23 22.12 19.84
CA THR B 201 -17.12 21.73 20.94
C THR B 201 -16.49 20.80 21.98
N SER B 202 -15.18 20.61 21.91
CA SER B 202 -14.51 19.77 22.89
C SER B 202 -14.20 20.62 24.12
N PRO B 203 -14.47 20.10 25.32
CA PRO B 203 -14.20 20.91 26.51
C PRO B 203 -12.71 21.25 26.67
N PHE B 204 -11.85 20.58 25.92
CA PHE B 204 -10.42 20.85 26.03
C PHE B 204 -9.93 21.83 24.95
N TYR B 205 -10.83 22.28 24.10
CA TYR B 205 -10.48 23.22 23.03
C TYR B 205 -10.03 24.59 23.56
N GLU B 206 -10.81 25.11 24.51
CA GLU B 206 -10.53 26.41 25.12
C GLU B 206 -9.09 26.56 25.62
N THR B 207 -8.55 25.49 26.17
CA THR B 207 -7.20 25.50 26.72
C THR B 207 -6.14 24.90 25.78
N ARG B 208 -6.57 24.50 24.58
CA ARG B 208 -5.69 23.88 23.61
C ARG B 208 -4.42 24.67 23.23
N SER B 209 -4.59 25.95 22.94
CA SER B 209 -3.47 26.79 22.57
C SER B 209 -2.47 26.97 23.72
N GLU B 210 -2.98 27.14 24.93
CA GLU B 210 -2.11 27.29 26.09
C GLU B 210 -1.19 26.07 26.18
N ARG B 211 -1.78 24.88 26.07
CA ARG B 211 -0.99 23.66 26.14
C ARG B 211 0.01 23.60 24.98
N ALA B 212 -0.44 24.03 23.79
CA ALA B 212 0.43 24.01 22.62
C ALA B 212 1.66 24.89 22.88
N GLU B 213 1.44 26.07 23.44
CA GLU B 213 2.54 26.99 23.73
C GLU B 213 3.48 26.40 24.76
N ALA B 214 2.91 25.88 25.85
CA ALA B 214 3.71 25.26 26.90
C ALA B 214 4.51 24.09 26.34
N ASN B 215 3.91 23.31 25.45
CA ASN B 215 4.61 22.17 24.85
C ASN B 215 5.78 22.67 24.02
N LEU B 216 5.56 23.75 23.28
CA LEU B 216 6.59 24.34 22.45
C LEU B 216 7.80 24.77 23.29
N LYS B 217 7.53 25.44 24.41
CA LYS B 217 8.61 25.89 25.29
C LYS B 217 9.45 24.72 25.75
N LEU B 218 8.80 23.63 26.15
CA LEU B 218 9.51 22.45 26.61
C LEU B 218 10.27 21.81 25.45
N LEU B 219 9.62 21.78 24.29
CA LEU B 219 10.22 21.20 23.09
C LEU B 219 11.51 21.94 22.72
N LEU B 220 11.44 23.26 22.65
CA LEU B 220 12.62 24.06 22.31
C LEU B 220 13.75 23.79 23.31
N ASN B 221 13.40 23.73 24.58
CA ASN B 221 14.38 23.46 25.63
C ASN B 221 15.00 22.09 25.41
N ALA B 222 14.16 21.12 25.03
CA ALA B 222 14.65 19.76 24.79
C ALA B 222 15.64 19.75 23.61
N PHE B 223 15.36 20.57 22.60
CA PHE B 223 16.23 20.68 21.42
C PHE B 223 17.57 21.29 21.85
N GLU B 224 17.47 22.34 22.64
CA GLU B 224 18.62 23.06 23.16
C GLU B 224 19.53 22.11 23.93
N ASN B 225 18.94 21.13 24.60
CA ASN B 225 19.71 20.16 25.38
C ASN B 225 20.06 18.86 24.67
N LYS B 226 19.81 18.79 23.36
CA LYS B 226 20.10 17.56 22.62
C LYS B 226 19.40 16.40 23.32
N ASP B 227 18.21 16.67 23.84
CA ASP B 227 17.41 15.67 24.56
C ASP B 227 16.36 15.02 23.66
N TRP B 228 16.78 14.04 22.87
CA TRP B 228 15.87 13.37 21.95
C TRP B 228 14.70 12.67 22.64
N THR B 229 14.95 12.13 23.83
CA THR B 229 13.90 11.43 24.58
C THR B 229 12.76 12.40 24.94
N SER B 230 13.10 13.60 25.38
CA SER B 230 12.06 14.57 25.73
C SER B 230 11.34 15.09 24.48
N ILE B 231 12.06 15.18 23.35
CA ILE B 231 11.44 15.64 22.10
C ILE B 231 10.33 14.65 21.81
N TYR B 232 10.67 13.37 21.92
CA TYR B 232 9.76 12.25 21.68
C TYR B 232 8.51 12.33 22.56
N GLN B 233 8.71 12.44 23.88
CA GLN B 233 7.60 12.49 24.82
C GLN B 233 6.67 13.68 24.63
N ILE B 234 7.25 14.86 24.40
CA ILE B 234 6.45 16.05 24.21
C ILE B 234 5.64 15.96 22.92
N CYS B 235 6.29 15.63 21.81
CA CYS B 235 5.59 15.52 20.54
C CYS B 235 4.48 14.49 20.68
N TRP B 236 4.75 13.48 21.50
CA TRP B 236 3.79 12.42 21.76
C TRP B 236 2.53 13.00 22.40
N HIS B 237 2.69 13.69 23.53
CA HIS B 237 1.57 14.32 24.23
C HIS B 237 0.85 15.29 23.32
N GLU B 238 1.62 16.00 22.52
CA GLU B 238 1.09 16.99 21.59
C GLU B 238 0.08 16.41 20.59
N PHE B 239 0.47 15.41 19.81
CA PHE B 239 -0.47 14.87 18.85
C PHE B 239 -1.62 14.11 19.50
N LEU B 240 -1.38 13.49 20.65
CA LEU B 240 -2.48 12.79 21.32
C LEU B 240 -3.48 13.84 21.82
N ASP B 241 -2.96 14.97 22.26
CA ASP B 241 -3.80 16.08 22.73
C ASP B 241 -4.78 16.45 21.64
N HIS B 243 -5.68 14.73 18.89
CA HIS B 243 -6.61 13.67 18.57
C HIS B 243 -7.69 13.49 19.62
N GLN B 244 -7.35 13.72 20.89
CA GLN B 244 -8.34 13.62 21.95
C GLN B 244 -9.47 14.63 21.70
N LEU B 245 -9.13 15.77 21.11
CA LEU B 245 -10.13 16.80 20.81
C LEU B 245 -11.18 16.22 19.87
N PHE B 246 -10.72 15.45 18.90
CA PHE B 246 -11.61 14.82 17.93
C PHE B 246 -12.61 13.88 18.61
N LYS B 247 -12.16 13.13 19.60
CA LYS B 247 -13.03 12.18 20.28
C LYS B 247 -13.82 12.72 21.48
N THR B 248 -13.58 13.96 21.84
CA THR B 248 -14.30 14.55 22.97
C THR B 248 -15.25 15.67 22.54
N CYS B 249 -15.43 15.86 21.24
CA CYS B 249 -16.35 16.90 20.79
C CYS B 249 -17.77 16.33 20.90
N GLU B 250 -18.78 17.13 20.52
CA GLU B 250 -20.17 16.72 20.60
C GLU B 250 -20.45 15.36 19.96
N LYS B 251 -19.91 15.15 18.78
CA LYS B 251 -20.09 13.88 18.06
C LYS B 251 -18.70 13.32 17.86
N PRO B 252 -18.17 12.62 18.87
CA PRO B 252 -16.84 12.02 18.82
C PRO B 252 -16.51 11.23 17.55
N PHE B 253 -15.31 11.46 17.02
CA PHE B 253 -14.84 10.73 15.85
C PHE B 253 -13.36 10.44 16.08
N SER B 254 -12.80 9.51 15.31
CA SER B 254 -11.41 9.14 15.49
C SER B 254 -10.70 8.56 14.27
N TYR B 255 -9.45 8.98 14.08
CA TYR B 255 -8.62 8.50 12.99
C TYR B 255 -7.86 7.33 13.56
N ILE B 256 -7.60 7.41 14.86
CA ILE B 256 -6.88 6.38 15.60
C ILE B 256 -7.82 5.20 15.84
N THR B 257 -7.37 4.00 15.52
CA THR B 257 -8.16 2.80 15.71
C THR B 257 -7.36 1.81 16.53
N ASP B 258 -7.92 0.63 16.75
CA ASP B 258 -7.24 -0.42 17.51
C ASP B 258 -5.94 -0.76 16.79
N ASN B 259 -5.99 -0.72 15.44
CA ASN B 259 -4.81 -1.01 14.65
C ASN B 259 -3.71 0.04 14.87
N THR B 260 -4.12 1.30 14.95
CA THR B 260 -3.16 2.39 15.18
C THR B 260 -2.57 2.22 16.57
N LEU B 261 -3.43 1.91 17.53
CA LEU B 261 -2.99 1.73 18.90
C LEU B 261 -2.00 0.59 19.03
N HIS B 262 -2.14 -0.43 18.19
CA HIS B 262 -1.24 -1.58 18.26
C HIS B 262 0.20 -1.19 17.93
N ILE B 263 0.38 -0.44 16.85
CA ILE B 263 1.74 -0.06 16.47
C ILE B 263 2.26 1.06 17.38
N LEU B 264 1.38 1.95 17.83
CA LEU B 264 1.80 3.01 18.75
C LEU B 264 2.32 2.36 20.03
N SER B 265 1.64 1.31 20.48
CA SER B 265 2.04 0.58 21.68
C SER B 265 3.40 -0.07 21.45
N VAL B 266 3.56 -0.68 20.28
CA VAL B 266 4.82 -1.33 19.95
C VAL B 266 5.98 -0.32 19.97
N ILE B 267 5.71 0.91 19.54
CA ILE B 267 6.76 1.94 19.51
C ILE B 267 7.14 2.29 20.95
N GLU B 268 6.17 2.25 21.86
CA GLU B 268 6.47 2.55 23.25
C GLU B 268 7.35 1.47 23.82
N LYS B 269 6.92 0.22 23.64
CA LYS B 269 7.67 -0.92 24.16
C LYS B 269 9.08 -0.88 23.59
N PHE B 270 9.19 -0.44 22.34
CA PHE B 270 10.48 -0.35 21.66
C PHE B 270 11.35 0.69 22.36
N TRP B 271 10.81 1.88 22.59
CA TRP B 271 11.56 2.93 23.26
C TRP B 271 12.07 2.42 24.61
N ASN B 272 11.18 1.79 25.36
CA ASN B 272 11.56 1.25 26.66
C ASN B 272 12.67 0.21 26.55
N GLU B 273 12.54 -0.65 25.54
CA GLU B 273 13.50 -1.71 25.30
C GLU B 273 14.87 -1.24 24.80
N LYS B 274 14.88 -0.36 23.79
CA LYS B 274 16.14 0.12 23.23
C LYS B 274 16.70 1.36 23.94
N GLY B 275 15.89 1.98 24.78
CA GLY B 275 16.35 3.17 25.48
C GLY B 275 16.46 4.36 24.52
N ASP B 276 16.02 4.14 23.29
CA ASP B 276 16.06 5.16 22.25
C ASP B 276 15.07 4.77 21.16
N GLY B 277 14.64 5.74 20.37
CA GLY B 277 13.68 5.44 19.31
C GLY B 277 13.30 6.64 18.46
N PRO B 278 12.29 6.50 17.60
CA PRO B 278 11.87 7.61 16.76
C PRO B 278 10.97 8.63 17.42
N VAL B 279 10.97 9.84 16.88
CA VAL B 279 10.08 10.88 17.35
C VAL B 279 8.80 10.56 16.57
N VAL B 280 7.65 10.66 17.22
CA VAL B 280 6.39 10.31 16.59
C VAL B 280 5.34 11.40 16.66
N THR B 281 4.58 11.53 15.56
CA THR B 281 3.51 12.51 15.49
C THR B 281 2.48 12.10 14.43
N ASP B 283 -1.11 13.80 12.11
CA ASP B 283 -1.87 14.98 11.77
C ASP B 283 -3.34 14.62 11.89
N ALA B 284 -4.21 15.43 11.29
CA ALA B 284 -5.63 15.17 11.33
C ALA B 284 -5.93 14.09 10.29
N GLY B 285 -5.35 12.91 10.51
CA GLY B 285 -5.52 11.80 9.59
C GLY B 285 -5.10 10.50 10.25
N PRO B 286 -5.24 9.36 9.55
CA PRO B 286 -4.87 8.06 10.12
C PRO B 286 -3.37 7.66 10.15
N ASN B 287 -2.56 8.24 9.27
CA ASN B 287 -1.14 7.89 9.21
C ASN B 287 -0.31 8.26 10.44
N VAL B 288 0.74 7.48 10.68
CA VAL B 288 1.63 7.74 11.82
C VAL B 288 3.01 8.06 11.27
N HIS B 289 3.54 9.21 11.65
CA HIS B 289 4.84 9.63 11.17
C HIS B 289 5.97 9.35 12.15
N LEU B 290 7.08 8.88 11.59
CA LEU B 290 8.27 8.58 12.36
C LEU B 290 9.42 9.47 11.91
N LEU B 291 10.16 10.01 12.88
CA LEU B 291 11.30 10.85 12.59
C LEU B 291 12.50 10.28 13.35
N TYR B 292 13.54 9.93 12.60
CA TYR B 292 14.76 9.36 13.16
C TYR B 292 15.96 10.28 12.95
N ARG B 293 16.91 10.23 13.88
CA ARG B 293 18.13 11.02 13.79
C ARG B 293 19.00 10.48 12.67
N SER B 294 20.01 11.25 12.29
CA SER B 294 20.95 10.85 11.23
C SER B 294 21.68 9.58 11.64
N ASP B 295 21.96 9.47 12.94
CA ASP B 295 22.67 8.32 13.49
C ASP B 295 21.75 7.16 13.87
N GLN B 296 20.52 7.16 13.36
CA GLN B 296 19.59 6.09 13.70
C GLN B 296 19.18 5.20 12.53
N THR B 297 19.82 5.37 11.39
CA THR B 297 19.48 4.59 10.21
C THR B 297 19.31 3.10 10.51
N ASP B 298 20.22 2.52 11.28
CA ASP B 298 20.12 1.10 11.59
C ASP B 298 18.96 0.82 12.54
N LEU B 299 18.86 1.59 13.61
CA LEU B 299 17.78 1.42 14.56
C LEU B 299 16.47 1.47 13.81
N ALA B 300 16.39 2.38 12.84
CA ALA B 300 15.21 2.55 12.01
C ALA B 300 14.93 1.30 11.21
N ARG B 301 15.99 0.72 10.66
CA ARG B 301 15.85 -0.50 9.87
C ARG B 301 15.45 -1.66 10.78
N GLN B 302 15.99 -1.68 11.99
CA GLN B 302 15.67 -2.73 12.96
C GLN B 302 14.19 -2.71 13.32
N PHE B 303 13.70 -1.55 13.73
CA PHE B 303 12.31 -1.39 14.10
C PHE B 303 11.39 -1.82 12.96
N LYS B 304 11.75 -1.39 11.75
CA LYS B 304 10.97 -1.71 10.56
C LYS B 304 10.88 -3.21 10.33
N SER B 305 12.02 -3.87 10.42
CA SER B 305 12.08 -5.31 10.21
C SER B 305 11.37 -6.10 11.32
N ASP B 306 11.59 -5.68 12.56
CA ASP B 306 10.98 -6.36 13.70
C ASP B 306 9.50 -6.08 13.90
N HIS B 307 9.05 -4.89 13.51
CA HIS B 307 7.65 -4.55 13.74
C HIS B 307 6.78 -4.07 12.59
N LEU B 308 7.37 -3.55 11.53
CA LEU B 308 6.58 -3.05 10.41
C LEU B 308 6.40 -4.05 9.27
N VAL B 309 7.46 -4.77 8.95
CA VAL B 309 7.40 -5.74 7.87
C VAL B 309 6.28 -6.77 8.08
N GLY B 310 5.43 -6.92 7.08
CA GLY B 310 4.33 -7.87 7.17
C GLY B 310 3.11 -7.41 7.95
N ASN B 311 3.18 -6.23 8.55
CA ASN B 311 2.06 -5.70 9.33
C ASN B 311 1.53 -4.37 8.80
N TYR B 312 2.42 -3.48 8.38
CA TYR B 312 2.03 -2.17 7.88
C TYR B 312 2.85 -1.73 6.66
N ASP B 313 2.23 -0.95 5.78
CA ASP B 313 2.95 -0.42 4.63
C ASP B 313 3.73 0.78 5.14
N VAL B 314 4.97 0.90 4.70
CA VAL B 314 5.80 2.03 5.13
C VAL B 314 6.22 2.82 3.90
N LEU B 315 6.09 4.15 3.99
CA LEU B 315 6.45 5.03 2.89
C LEU B 315 7.81 5.64 3.20
#